data_4JWO
#
_entry.id   4JWO
#
_cell.length_a   87.158
_cell.length_b   87.158
_cell.length_c   75.536
_cell.angle_alpha   90.00
_cell.angle_beta   90.00
_cell.angle_gamma   120.00
#
_symmetry.space_group_name_H-M   'P 61'
#
loop_
_entity.id
_entity.type
_entity.pdbx_description
1 polymer 'Phosphate binding protein'
2 non-polymer 'SULFATE ION'
3 non-polymer 'FORMIC ACID'
4 non-polymer DI(HYDROXYETHYL)ETHER
5 non-polymer 1,2-ETHANEDIOL
6 water water
#
_entity_poly.entity_id   1
_entity_poly.type   'polypeptide(L)'
_entity_poly.pdbx_seq_one_letter_code
;SNA(MSE)PFLRPRYVLVLIALFGTVCGSLSGCVQKKSADQAASTSEKTNSSTEG(MSE)NAATPSISGTIAVDGSSTVF
PISQAVAEEFEGKFPEVKLTVA(MSE)SGTGGGFKKFIAEEIDVTGASRPITEKEAAECKAKGIDYVEFQVAIDGLTVVI
NPANTFAEC(MSE)TVAELNKIWAADSKVSKWSEVREGWPDEPIQLFGADTASGTFDYFTEVINGKAKSSRSDYTANSND
NILVQGVVDSKGALGYFGYAYFAENASKLKAVKISDGKKAVCVEPTPATIESGEYTPLSRPLFIYTTKAKLKRPEVAEFI
KFLLSEKGDQLVEEVKYIKVPKSVKET(MSE)QQRLADALK
;
_entity_poly.pdbx_strand_id   A
#
# COMPACT_ATOMS: atom_id res chain seq x y z
N SER A 58 23.04 -23.76 8.73
CA SER A 58 23.73 -23.32 7.54
C SER A 58 22.79 -22.90 6.43
N ILE A 59 22.48 -21.61 6.38
CA ILE A 59 21.64 -21.03 5.33
C ILE A 59 22.47 -20.08 4.47
N SER A 60 22.37 -20.21 3.14
CA SER A 60 23.19 -19.38 2.25
C SER A 60 22.60 -19.18 0.85
N GLY A 61 23.15 -18.21 0.11
CA GLY A 61 22.76 -17.99 -1.26
C GLY A 61 22.21 -16.60 -1.55
N THR A 62 21.87 -16.37 -2.82
CA THR A 62 21.30 -15.09 -3.24
C THR A 62 19.81 -15.23 -3.49
N ILE A 63 19.05 -14.28 -2.97
CA ILE A 63 17.61 -14.20 -3.24
C ILE A 63 17.34 -12.89 -3.98
N ALA A 64 16.81 -12.99 -5.19
CA ALA A 64 16.45 -11.81 -5.96
C ALA A 64 14.98 -11.45 -5.71
N VAL A 65 14.75 -10.32 -5.05
CA VAL A 65 13.40 -9.83 -4.76
C VAL A 65 13.13 -8.60 -5.61
N ASP A 66 11.90 -8.47 -6.12
CA ASP A 66 11.52 -7.32 -6.91
C ASP A 66 10.06 -7.04 -6.58
N GLY A 67 9.46 -6.09 -7.28
CA GLY A 67 8.04 -5.87 -7.12
C GLY A 67 7.65 -4.43 -6.84
N SER A 68 6.49 -4.31 -6.18
CA SER A 68 5.79 -3.07 -5.86
C SER A 68 6.61 -2.09 -5.02
N SER A 69 6.46 -0.79 -5.30
CA SER A 69 7.01 0.22 -4.41
C SER A 69 6.37 0.13 -3.02
N THR A 70 5.14 -0.38 -2.93
CA THR A 70 4.51 -0.48 -1.62
C THR A 70 4.93 -1.71 -0.82
N VAL A 71 5.39 -2.75 -1.52
CA VAL A 71 5.90 -3.93 -0.82
C VAL A 71 7.39 -3.75 -0.53
N PHE A 72 8.07 -2.92 -1.33
CA PHE A 72 9.50 -2.62 -1.14
C PHE A 72 9.93 -2.37 0.32
N PRO A 73 9.20 -1.53 1.08
CA PRO A 73 9.67 -1.28 2.44
C PRO A 73 9.64 -2.52 3.32
N ILE A 74 8.66 -3.40 3.09
CA ILE A 74 8.61 -4.67 3.80
C ILE A 74 9.78 -5.55 3.39
N SER A 75 9.95 -5.74 2.08
CA SER A 75 11.04 -6.56 1.56
C SER A 75 12.41 -6.07 2.01
N GLN A 76 12.60 -4.75 2.02
CA GLN A 76 13.90 -4.19 2.43
C GLN A 76 14.13 -4.38 3.92
N ALA A 77 13.08 -4.18 4.72
CA ALA A 77 13.20 -4.29 6.17
C ALA A 77 13.40 -5.74 6.61
N VAL A 78 12.62 -6.64 6.01
CA VAL A 78 12.77 -8.05 6.29
C VAL A 78 14.15 -8.51 5.82
N ALA A 79 14.61 -7.98 4.69
CA ALA A 79 15.95 -8.31 4.18
C ALA A 79 17.06 -7.90 5.14
N GLU A 80 17.02 -6.66 5.63
CA GLU A 80 18.04 -6.13 6.53
C GLU A 80 18.11 -6.97 7.80
N GLU A 81 16.95 -7.35 8.32
CA GLU A 81 16.84 -8.17 9.52
C GLU A 81 17.30 -9.59 9.22
N PHE A 82 16.79 -10.13 8.12
CA PHE A 82 17.12 -11.49 7.69
C PHE A 82 18.61 -11.66 7.41
N GLU A 83 19.19 -10.70 6.71
CA GLU A 83 20.62 -10.73 6.39
C GLU A 83 21.50 -10.73 7.62
N GLY A 84 21.08 -10.00 8.65
CA GLY A 84 21.82 -10.01 9.90
C GLY A 84 21.77 -11.39 10.53
N LYS A 85 20.56 -11.93 10.60
CA LYS A 85 20.31 -13.25 11.18
C LYS A 85 21.00 -14.37 10.40
N PHE A 86 21.19 -14.14 9.10
CA PHE A 86 21.78 -15.13 8.20
C PHE A 86 22.81 -14.49 7.25
N PRO A 87 24.04 -14.26 7.74
CA PRO A 87 25.04 -13.46 7.01
C PRO A 87 25.47 -14.01 5.65
N GLU A 88 25.23 -15.30 5.41
CA GLU A 88 25.64 -15.93 4.16
C GLU A 88 24.55 -15.86 3.09
N VAL A 89 23.51 -15.08 3.38
CA VAL A 89 22.44 -14.85 2.43
C VAL A 89 22.51 -13.41 1.95
N LYS A 90 22.54 -13.24 0.63
CA LYS A 90 22.50 -11.90 0.04
C LYS A 90 21.15 -11.64 -0.60
N LEU A 91 20.48 -10.58 -0.14
CA LEU A 91 19.21 -10.17 -0.69
C LEU A 91 19.42 -8.94 -1.58
N THR A 92 18.98 -9.03 -2.82
CA THR A 92 18.88 -7.84 -3.67
C THR A 92 17.42 -7.50 -3.80
N VAL A 93 17.05 -6.26 -3.48
CA VAL A 93 15.66 -5.86 -3.54
C VAL A 93 15.48 -4.75 -4.57
N ALA A 94 14.69 -5.04 -5.60
CA ALA A 94 14.45 -4.08 -6.66
C ALA A 94 13.02 -3.60 -6.58
N SER A 96 10.62 -2.79 -9.50
CA SER A 96 10.15 -2.67 -10.88
C SER A 96 8.66 -2.36 -10.99
N GLY A 97 7.95 -2.46 -9.87
CA GLY A 97 6.50 -2.28 -9.85
C GLY A 97 5.83 -3.64 -9.75
N THR A 98 4.52 -3.66 -9.52
CA THR A 98 3.82 -4.93 -9.43
C THR A 98 3.85 -5.64 -10.77
N GLY A 99 3.45 -4.94 -11.82
CA GLY A 99 3.44 -5.51 -13.15
C GLY A 99 4.83 -5.75 -13.68
N GLY A 100 5.72 -4.80 -13.43
CA GLY A 100 7.12 -4.95 -13.82
C GLY A 100 7.74 -6.13 -13.13
N GLY A 101 7.43 -6.29 -11.84
CA GLY A 101 7.93 -7.42 -11.08
C GLY A 101 7.38 -8.75 -11.59
N PHE A 102 6.10 -8.79 -11.91
CA PHE A 102 5.51 -9.99 -12.47
C PHE A 102 6.11 -10.32 -13.84
N LYS A 103 6.51 -9.29 -14.59
CA LYS A 103 7.10 -9.49 -15.91
C LYS A 103 8.44 -10.22 -15.80
N LYS A 104 9.21 -9.84 -14.79
CA LYS A 104 10.48 -10.50 -14.52
C LYS A 104 10.27 -11.87 -13.88
N PHE A 105 9.18 -11.98 -13.12
CA PHE A 105 8.77 -13.23 -12.50
C PHE A 105 8.47 -14.25 -13.58
N ILE A 106 7.67 -13.83 -14.56
CA ILE A 106 7.30 -14.68 -15.68
C ILE A 106 8.52 -15.02 -16.55
N ALA A 107 9.43 -14.06 -16.69
CA ALA A 107 10.66 -14.28 -17.44
C ALA A 107 11.71 -15.07 -16.64
N GLU A 108 11.34 -15.41 -15.40
CA GLU A 108 12.18 -16.23 -14.52
C GLU A 108 13.53 -15.60 -14.22
N GLU A 109 13.53 -14.28 -14.00
CA GLU A 109 14.75 -13.54 -13.74
C GLU A 109 14.86 -13.11 -12.27
N ILE A 110 13.85 -13.47 -11.48
CA ILE A 110 13.83 -13.19 -10.04
C ILE A 110 13.24 -14.36 -9.25
N ASP A 111 13.37 -14.33 -7.92
CA ASP A 111 12.91 -15.43 -7.06
C ASP A 111 11.61 -15.11 -6.35
N VAL A 112 11.45 -13.85 -5.97
CA VAL A 112 10.32 -13.39 -5.16
C VAL A 112 9.83 -12.07 -5.70
N THR A 113 8.51 -11.90 -5.80
CA THR A 113 8.00 -10.60 -6.23
C THR A 113 6.88 -10.08 -5.33
N GLY A 114 6.94 -8.79 -5.04
CA GLY A 114 5.97 -8.13 -4.18
C GLY A 114 4.89 -7.49 -5.03
N ALA A 115 3.63 -7.65 -4.64
CA ALA A 115 2.52 -7.18 -5.46
C ALA A 115 1.54 -6.38 -4.62
N SER A 116 1.08 -5.26 -5.16
CA SER A 116 0.09 -4.47 -4.44
CA SER A 116 0.09 -4.42 -4.50
C SER A 116 -1.32 -4.87 -4.86
N ARG A 117 -1.41 -5.91 -5.67
CA ARG A 117 -2.69 -6.48 -6.08
C ARG A 117 -2.43 -7.93 -6.37
N PRO A 118 -3.48 -8.76 -6.35
CA PRO A 118 -3.26 -10.16 -6.72
C PRO A 118 -2.79 -10.29 -8.16
N ILE A 119 -2.05 -11.35 -8.44
CA ILE A 119 -1.70 -11.73 -9.81
C ILE A 119 -2.95 -11.74 -10.70
N THR A 120 -2.82 -11.22 -11.92
CA THR A 120 -3.97 -11.19 -12.84
C THR A 120 -4.18 -12.54 -13.50
N GLU A 121 -5.36 -12.73 -14.08
CA GLU A 121 -5.65 -13.93 -14.85
C GLU A 121 -4.64 -14.09 -15.97
N LYS A 122 -4.29 -12.98 -16.64
CA LYS A 122 -3.35 -13.04 -17.75
C LYS A 122 -1.95 -13.39 -17.25
N GLU A 123 -1.53 -12.76 -16.15
CA GLU A 123 -0.24 -13.07 -15.56
C GLU A 123 -0.20 -14.51 -15.05
N ALA A 124 -1.29 -14.96 -14.46
CA ALA A 124 -1.38 -16.33 -13.99
C ALA A 124 -1.29 -17.32 -15.15
N ALA A 125 -1.95 -17.02 -16.25
CA ALA A 125 -1.90 -17.89 -17.42
C ALA A 125 -0.50 -17.91 -18.03
N GLU A 126 0.17 -16.76 -18.04
CA GLU A 126 1.54 -16.70 -18.55
C GLU A 126 2.46 -17.54 -17.67
N CYS A 127 2.19 -17.53 -16.36
CA CYS A 127 2.93 -18.35 -15.43
C CYS A 127 2.71 -19.84 -15.70
N LYS A 128 1.45 -20.24 -15.78
CA LYS A 128 1.10 -21.64 -16.00
C LYS A 128 1.70 -22.16 -17.31
N ALA A 129 1.66 -21.33 -18.35
CA ALA A 129 2.19 -21.72 -19.66
C ALA A 129 3.67 -22.06 -19.59
N LYS A 130 4.37 -21.47 -18.62
CA LYS A 130 5.81 -21.66 -18.50
C LYS A 130 6.18 -22.67 -17.42
N GLY A 131 5.19 -23.36 -16.88
CA GLY A 131 5.43 -24.34 -15.84
C GLY A 131 5.70 -23.71 -14.49
N ILE A 132 5.39 -22.43 -14.35
CA ILE A 132 5.64 -21.70 -13.12
C ILE A 132 4.50 -21.92 -12.13
N ASP A 133 4.80 -22.55 -11.01
CA ASP A 133 3.81 -22.86 -10.00
C ASP A 133 3.89 -21.85 -8.86
N TYR A 134 3.23 -20.71 -9.04
CA TYR A 134 3.33 -19.61 -8.09
C TYR A 134 2.65 -19.91 -6.76
N VAL A 135 3.17 -19.34 -5.67
CA VAL A 135 2.50 -19.40 -4.38
C VAL A 135 2.30 -17.98 -3.87
N GLU A 136 1.08 -17.68 -3.44
CA GLU A 136 0.72 -16.33 -3.00
C GLU A 136 0.69 -16.23 -1.49
N PHE A 137 1.36 -15.21 -0.96
CA PHE A 137 1.35 -14.95 0.47
C PHE A 137 0.87 -13.54 0.77
N GLN A 138 -0.25 -13.42 1.51
CA GLN A 138 -0.69 -12.12 1.98
C GLN A 138 0.13 -11.74 3.21
N VAL A 139 0.78 -10.58 3.17
CA VAL A 139 1.76 -10.27 4.20
C VAL A 139 1.46 -9.04 5.05
N ALA A 140 0.54 -8.20 4.58
CA ALA A 140 0.22 -6.95 5.26
C ALA A 140 -1.02 -6.37 4.66
N ILE A 141 -1.57 -5.37 5.33
CA ILE A 141 -2.63 -4.56 4.76
C ILE A 141 -2.12 -3.12 4.72
N ASP A 142 -2.32 -2.45 3.59
CA ASP A 142 -1.86 -1.07 3.40
C ASP A 142 -3.09 -0.18 3.40
N GLY A 143 -3.19 0.74 4.35
CA GLY A 143 -4.30 1.67 4.41
C GLY A 143 -3.84 3.11 4.32
N LEU A 144 -4.54 3.92 3.55
CA LEU A 144 -4.29 5.35 3.46
C LEU A 144 -5.49 6.12 3.94
N THR A 145 -5.24 7.27 4.55
CA THR A 145 -6.32 8.16 4.95
C THR A 145 -6.24 9.47 4.21
N VAL A 146 -7.39 9.96 3.78
CA VAL A 146 -7.54 11.34 3.35
C VAL A 146 -8.01 12.13 4.56
N VAL A 147 -7.34 13.25 4.83
CA VAL A 147 -7.66 14.03 6.02
C VAL A 147 -8.00 15.47 5.68
N ILE A 148 -8.88 16.04 6.48
CA ILE A 148 -9.20 17.46 6.43
C ILE A 148 -9.00 18.06 7.81
N ASN A 149 -9.05 19.38 7.89
CA ASN A 149 -8.92 20.04 9.18
C ASN A 149 -10.20 19.78 9.95
N PRO A 150 -10.10 19.60 11.28
CA PRO A 150 -11.34 19.30 12.02
C PRO A 150 -12.40 20.38 11.91
N ALA A 151 -12.02 21.62 11.58
CA ALA A 151 -12.99 22.71 11.44
C ALA A 151 -13.80 22.60 10.15
N ASN A 152 -13.39 21.71 9.26
CA ASN A 152 -14.12 21.45 8.01
C ASN A 152 -15.28 20.50 8.29
N THR A 153 -16.52 20.98 8.17
CA THR A 153 -17.67 20.12 8.42
C THR A 153 -18.48 19.83 7.15
N PHE A 154 -17.98 20.28 6.01
CA PHE A 154 -18.70 20.10 4.75
C PHE A 154 -18.14 18.97 3.89
N ALA A 155 -16.86 18.64 4.06
CA ALA A 155 -16.24 17.58 3.24
C ALA A 155 -16.02 16.29 4.00
N GLU A 156 -16.89 15.99 4.94
CA GLU A 156 -16.71 14.83 5.83
C GLU A 156 -16.80 13.49 5.11
N CYS A 157 -17.52 13.47 4.00
CA CYS A 157 -17.59 12.30 3.12
C CYS A 157 -17.31 12.75 1.69
N THR A 159 -16.21 11.37 -2.52
CA THR A 159 -16.16 10.25 -3.45
C THR A 159 -14.78 10.15 -4.05
N VAL A 160 -14.45 8.96 -4.56
CA VAL A 160 -13.24 8.78 -5.33
C VAL A 160 -13.23 9.73 -6.52
N ALA A 161 -14.40 9.88 -7.16
CA ALA A 161 -14.52 10.80 -8.28
C ALA A 161 -14.17 12.23 -7.89
N GLU A 162 -14.60 12.66 -6.70
CA GLU A 162 -14.25 14.00 -6.24
C GLU A 162 -12.77 14.13 -5.96
N LEU A 163 -12.19 13.09 -5.37
CA LEU A 163 -10.75 13.11 -5.12
C LEU A 163 -9.97 13.18 -6.44
N ASN A 164 -10.49 12.50 -7.46
CA ASN A 164 -9.86 12.53 -8.79
C ASN A 164 -9.98 13.91 -9.41
N LYS A 165 -11.14 14.54 -9.22
CA LYS A 165 -11.36 15.89 -9.70
C LYS A 165 -10.30 16.84 -9.13
N ILE A 166 -9.92 16.62 -7.88
CA ILE A 166 -8.93 17.45 -7.20
C ILE A 166 -7.49 17.10 -7.61
N TRP A 167 -7.19 15.81 -7.64
CA TRP A 167 -5.80 15.34 -7.73
C TRP A 167 -5.29 14.95 -9.11
N ALA A 168 -6.19 14.87 -10.09
CA ALA A 168 -5.80 14.37 -11.41
C ALA A 168 -4.68 15.18 -12.00
N ALA A 169 -3.93 14.52 -12.89
CA ALA A 169 -2.81 15.14 -13.58
C ALA A 169 -3.17 16.47 -14.24
N ASP A 170 -4.41 16.57 -14.74
CA ASP A 170 -4.86 17.75 -15.45
C ASP A 170 -5.81 18.62 -14.61
N SER A 171 -5.91 18.34 -13.31
CA SER A 171 -6.79 19.13 -12.47
C SER A 171 -6.19 20.49 -12.15
N LYS A 172 -7.02 21.52 -12.31
CA LYS A 172 -6.64 22.88 -11.95
C LYS A 172 -7.47 23.33 -10.75
N VAL A 173 -8.17 22.39 -10.11
CA VAL A 173 -9.09 22.74 -9.03
C VAL A 173 -8.34 23.46 -7.92
N SER A 174 -8.85 24.61 -7.52
CA SER A 174 -8.16 25.40 -6.52
C SER A 174 -9.06 25.73 -5.35
N LYS A 175 -10.38 25.54 -5.53
CA LYS A 175 -11.36 25.93 -4.52
C LYS A 175 -12.33 24.81 -4.22
N TRP A 176 -12.78 24.74 -2.97
CA TRP A 176 -13.71 23.70 -2.58
C TRP A 176 -15.02 23.75 -3.39
N SER A 177 -15.44 24.98 -3.74
CA SER A 177 -16.69 25.20 -4.48
C SER A 177 -16.66 24.53 -5.84
N GLU A 178 -15.45 24.23 -6.31
CA GLU A 178 -15.26 23.63 -7.61
C GLU A 178 -15.35 22.10 -7.54
N VAL A 179 -15.34 21.55 -6.34
CA VAL A 179 -15.39 20.10 -6.16
C VAL A 179 -16.84 19.61 -6.09
N ARG A 180 -17.65 20.27 -5.28
CA ARG A 180 -19.05 19.93 -5.16
C ARG A 180 -19.88 21.20 -5.04
N GLU A 181 -21.02 21.22 -5.72
CA GLU A 181 -21.95 22.33 -5.73
C GLU A 181 -22.21 22.82 -4.31
N GLY A 182 -21.99 24.10 -4.08
CA GLY A 182 -22.37 24.72 -2.83
C GLY A 182 -21.28 24.80 -1.77
N TRP A 183 -20.21 24.03 -1.94
CA TRP A 183 -19.12 24.06 -0.97
C TRP A 183 -18.47 25.46 -0.98
N PRO A 184 -17.81 25.83 0.13
CA PRO A 184 -17.29 27.19 0.24
C PRO A 184 -16.34 27.61 -0.89
N ASP A 185 -16.50 28.88 -1.28
CA ASP A 185 -15.63 29.52 -2.25
C ASP A 185 -14.31 29.87 -1.57
N GLU A 186 -13.57 28.83 -1.20
CA GLU A 186 -12.36 28.98 -0.41
C GLU A 186 -11.29 28.06 -0.98
N PRO A 187 -10.01 28.46 -0.86
CA PRO A 187 -8.96 27.64 -1.46
C PRO A 187 -8.82 26.29 -0.78
N ILE A 188 -8.52 25.26 -1.57
CA ILE A 188 -8.15 23.95 -1.02
CA ILE A 188 -8.17 23.99 -0.97
C ILE A 188 -6.64 23.91 -0.94
N GLN A 189 -6.10 23.67 0.26
CA GLN A 189 -4.65 23.61 0.42
C GLN A 189 -4.25 22.15 0.46
N LEU A 190 -3.57 21.69 -0.58
CA LEU A 190 -3.28 20.28 -0.76
C LEU A 190 -1.96 19.84 -0.15
N PHE A 191 -1.99 18.70 0.54
CA PHE A 191 -0.82 18.09 1.14
C PHE A 191 -0.77 16.62 0.75
N GLY A 192 0.43 16.12 0.45
CA GLY A 192 0.55 14.74 0.06
C GLY A 192 1.97 14.22 0.00
N ALA A 193 2.08 12.99 -0.47
CA ALA A 193 3.34 12.27 -0.51
C ALA A 193 4.26 12.77 -1.59
N ASP A 194 5.55 12.53 -1.41
CA ASP A 194 6.53 12.81 -2.45
C ASP A 194 6.33 11.88 -3.64
N THR A 195 6.63 12.39 -4.83
CA THR A 195 6.52 11.61 -6.06
C THR A 195 7.22 10.26 -5.98
N ALA A 196 6.54 9.22 -6.45
CA ALA A 196 7.14 7.92 -6.67
C ALA A 196 7.47 7.17 -5.37
N SER A 197 7.06 7.74 -4.23
CA SER A 197 7.02 7.03 -2.95
C SER A 197 5.89 6.00 -3.03
N GLY A 198 5.89 5.02 -2.13
CA GLY A 198 4.82 4.03 -2.10
C GLY A 198 3.45 4.63 -1.87
N THR A 199 3.36 5.57 -0.93
CA THR A 199 2.11 6.23 -0.64
C THR A 199 1.56 6.97 -1.87
N PHE A 200 2.44 7.71 -2.55
CA PHE A 200 2.08 8.39 -3.79
C PHE A 200 1.57 7.40 -4.83
N ASP A 201 2.34 6.33 -5.05
CA ASP A 201 1.98 5.31 -6.04
C ASP A 201 0.60 4.72 -5.76
N TYR A 202 0.32 4.43 -4.49
CA TYR A 202 -0.97 3.83 -4.14
C TYR A 202 -2.11 4.83 -4.35
N PHE A 203 -1.99 6.01 -3.75
CA PHE A 203 -3.06 7.00 -3.83
C PHE A 203 -3.36 7.36 -5.28
N THR A 204 -2.33 7.67 -6.05
CA THR A 204 -2.56 8.04 -7.44
C THR A 204 -3.13 6.89 -8.26
N GLU A 205 -2.68 5.66 -8.02
CA GLU A 205 -3.20 4.51 -8.75
C GLU A 205 -4.72 4.39 -8.59
N VAL A 206 -5.19 4.45 -7.36
CA VAL A 206 -6.60 4.13 -7.12
C VAL A 206 -7.51 5.34 -7.23
N ILE A 207 -6.95 6.53 -7.13
CA ILE A 207 -7.73 7.76 -7.27
C ILE A 207 -7.72 8.27 -8.71
N ASN A 208 -6.55 8.25 -9.36
CA ASN A 208 -6.44 8.78 -10.71
C ASN A 208 -6.39 7.73 -11.81
N GLY A 209 -5.93 6.53 -11.47
CA GLY A 209 -5.78 5.50 -12.48
C GLY A 209 -4.39 4.93 -12.64
N LYS A 210 -4.28 3.95 -13.54
CA LYS A 210 -3.03 3.21 -13.75
C LYS A 210 -1.86 4.08 -14.17
N ALA A 211 -2.14 5.24 -14.75
CA ALA A 211 -1.08 6.17 -15.17
C ALA A 211 -0.22 6.59 -13.99
N LYS A 212 -0.78 6.46 -12.79
CA LYS A 212 -0.01 6.62 -11.53
C LYS A 212 0.65 7.98 -11.42
N SER A 213 -0.12 9.02 -11.71
CA SER A 213 0.38 10.38 -11.71
C SER A 213 -0.60 11.26 -10.97
N SER A 214 -0.19 12.48 -10.66
CA SER A 214 -1.09 13.51 -10.13
C SER A 214 -0.59 14.89 -10.53
N ARG A 215 -1.41 15.91 -10.29
CA ARG A 215 -0.92 17.28 -10.41
C ARG A 215 0.27 17.41 -9.46
N SER A 216 1.13 18.37 -9.76
CA SER A 216 2.33 18.54 -8.94
C SER A 216 2.28 19.77 -8.04
N ASP A 217 1.24 20.60 -8.22
CA ASP A 217 1.13 21.82 -7.40
C ASP A 217 0.41 21.54 -6.09
N TYR A 218 1.16 20.99 -5.15
CA TYR A 218 0.68 20.71 -3.81
C TYR A 218 1.89 20.67 -2.90
N THR A 219 1.64 20.70 -1.59
CA THR A 219 2.73 20.60 -0.64
C THR A 219 3.06 19.13 -0.42
N ALA A 220 4.20 18.73 -0.96
CA ALA A 220 4.65 17.34 -0.88
C ALA A 220 5.79 17.24 0.12
N ASN A 221 5.72 16.25 0.99
CA ASN A 221 6.82 16.02 1.91
C ASN A 221 6.98 14.54 2.21
N SER A 222 8.23 14.11 2.38
CA SER A 222 8.50 12.73 2.75
C SER A 222 8.22 12.48 4.20
N ASN A 223 8.15 13.56 4.99
CA ASN A 223 7.94 13.45 6.41
C ASN A 223 6.46 13.64 6.70
N ASP A 224 5.77 12.55 7.02
CA ASP A 224 4.32 12.60 7.19
C ASP A 224 3.95 13.47 8.39
N ASN A 225 4.89 13.65 9.32
CA ASN A 225 4.60 14.48 10.48
C ASN A 225 4.46 15.96 10.08
N ILE A 226 5.19 16.35 9.05
CA ILE A 226 5.09 17.69 8.49
C ILE A 226 3.75 17.87 7.77
N LEU A 227 3.30 16.84 7.07
CA LEU A 227 1.99 16.88 6.40
C LEU A 227 0.86 17.00 7.43
N VAL A 228 0.97 16.22 8.52
CA VAL A 228 0.00 16.32 9.60
C VAL A 228 -0.10 17.76 10.10
N GLN A 229 1.04 18.39 10.38
CA GLN A 229 1.05 19.75 10.90
C GLN A 229 0.46 20.72 9.88
N GLY A 230 0.70 20.46 8.60
CA GLY A 230 0.14 21.27 7.53
C GLY A 230 -1.37 21.26 7.56
N VAL A 231 -1.94 20.07 7.69
CA VAL A 231 -3.40 19.95 7.79
C VAL A 231 -3.93 20.61 9.05
N VAL A 232 -3.25 20.41 10.18
CA VAL A 232 -3.64 21.08 11.42
C VAL A 232 -3.68 22.62 11.28
N ASP A 233 -2.75 23.17 10.51
CA ASP A 233 -2.56 24.61 10.43
C ASP A 233 -3.42 25.32 9.39
N SER A 234 -4.08 24.57 8.52
CA SER A 234 -4.88 25.17 7.46
CA SER A 234 -4.86 25.15 7.43
C SER A 234 -6.32 24.67 7.47
N LYS A 235 -7.25 25.59 7.71
CA LYS A 235 -8.67 25.25 7.79
C LYS A 235 -9.17 24.61 6.52
N GLY A 236 -8.61 25.02 5.40
CA GLY A 236 -9.03 24.53 4.11
C GLY A 236 -8.18 23.39 3.56
N ALA A 237 -7.42 22.73 4.42
CA ALA A 237 -6.51 21.69 3.96
C ALA A 237 -7.17 20.39 3.54
N LEU A 238 -6.55 19.71 2.59
CA LEU A 238 -6.89 18.32 2.31
CA LEU A 238 -6.90 18.34 2.24
C LEU A 238 -5.58 17.59 2.08
N GLY A 239 -5.38 16.50 2.80
CA GLY A 239 -4.11 15.79 2.69
C GLY A 239 -4.32 14.30 2.59
N TYR A 240 -3.27 13.58 2.21
CA TYR A 240 -3.29 12.12 2.30
C TYR A 240 -1.97 11.59 2.77
N PHE A 241 -2.03 10.47 3.49
CA PHE A 241 -0.86 9.77 4.00
C PHE A 241 -1.30 8.45 4.61
N GLY A 242 -0.35 7.64 5.04
CA GLY A 242 -0.67 6.32 5.56
C GLY A 242 -1.49 6.39 6.83
N TYR A 243 -2.30 5.37 7.04
CA TYR A 243 -3.23 5.32 8.15
C TYR A 243 -2.55 5.50 9.52
N ALA A 244 -1.34 4.95 9.66
CA ALA A 244 -0.65 5.00 10.95
C ALA A 244 -0.46 6.44 11.41
N TYR A 245 -0.19 7.33 10.45
CA TYR A 245 0.02 8.73 10.79
C TYR A 245 -1.29 9.46 11.12
N PHE A 246 -2.41 8.99 10.55
CA PHE A 246 -3.69 9.50 11.02
C PHE A 246 -3.98 9.02 12.44
N ALA A 247 -3.84 7.71 12.64
CA ALA A 247 -4.28 7.08 13.89
C ALA A 247 -3.61 7.70 15.09
N GLU A 248 -2.33 8.03 14.96
CA GLU A 248 -1.59 8.53 16.11
C GLU A 248 -1.82 10.03 16.32
N ASN A 249 -2.51 10.65 15.37
CA ASN A 249 -2.85 12.07 15.46
C ASN A 249 -4.35 12.31 15.35
N ALA A 250 -5.15 11.31 15.72
CA ALA A 250 -6.59 11.34 15.47
C ALA A 250 -7.33 12.50 16.15
N SER A 251 -6.82 12.94 17.29
CA SER A 251 -7.46 14.04 18.01
C SER A 251 -7.25 15.41 17.34
N LYS A 252 -6.37 15.47 16.34
CA LYS A 252 -6.02 16.73 15.69
C LYS A 252 -6.40 16.77 14.21
N LEU A 253 -6.86 15.64 13.70
CA LEU A 253 -7.19 15.48 12.29
C LEU A 253 -8.60 14.91 12.14
N LYS A 254 -9.22 15.15 10.99
CA LYS A 254 -10.49 14.52 10.67
C LYS A 254 -10.29 13.61 9.46
N ALA A 255 -10.53 12.32 9.61
CA ALA A 255 -10.41 11.42 8.47
C ALA A 255 -11.68 11.53 7.63
N VAL A 256 -11.49 11.73 6.33
CA VAL A 256 -12.60 11.78 5.39
C VAL A 256 -13.17 10.38 5.18
N LYS A 257 -14.48 10.28 5.23
CA LYS A 257 -15.15 9.03 4.89
C LYS A 257 -15.20 8.91 3.37
N ILE A 258 -15.00 7.70 2.86
CA ILE A 258 -14.77 7.50 1.42
C ILE A 258 -15.87 6.68 0.74
N SER A 259 -16.45 7.26 -0.32
CA SER A 259 -17.39 6.52 -1.17
C SER A 259 -16.73 6.19 -2.49
N ASP A 260 -16.96 4.98 -3.00
CA ASP A 260 -16.33 4.55 -4.24
C ASP A 260 -17.28 4.38 -5.43
N GLY A 261 -18.56 4.69 -5.24
CA GLY A 261 -19.53 4.55 -6.32
C GLY A 261 -19.97 3.11 -6.54
N LYS A 262 -19.44 2.21 -5.73
CA LYS A 262 -19.84 0.81 -5.79
C LYS A 262 -20.52 0.39 -4.48
N LYS A 263 -19.82 -0.39 -3.67
CA LYS A 263 -20.39 -0.87 -2.41
C LYS A 263 -20.01 0.00 -1.21
N ALA A 264 -18.98 0.83 -1.38
CA ALA A 264 -18.50 1.67 -0.29
C ALA A 264 -19.23 3.01 -0.27
N VAL A 265 -20.03 3.23 0.77
CA VAL A 265 -20.72 4.50 0.93
C VAL A 265 -20.26 5.17 2.22
N CYS A 266 -19.51 6.27 2.08
CA CYS A 266 -19.02 7.05 3.22
C CYS A 266 -18.42 6.18 4.32
N VAL A 267 -17.41 5.39 3.96
CA VAL A 267 -16.76 4.50 4.89
C VAL A 267 -15.63 5.19 5.63
N GLU A 268 -15.72 5.21 6.96
CA GLU A 268 -14.67 5.77 7.80
C GLU A 268 -13.54 4.76 7.89
N PRO A 269 -12.27 5.21 7.73
CA PRO A 269 -11.15 4.28 7.93
C PRO A 269 -10.96 4.00 9.43
N THR A 270 -11.16 2.74 9.81
CA THR A 270 -10.98 2.28 11.19
C THR A 270 -10.34 0.90 11.09
N PRO A 271 -9.85 0.37 12.22
CA PRO A 271 -9.29 -0.98 12.10
C PRO A 271 -10.34 -1.97 11.63
N ALA A 272 -11.60 -1.74 12.02
CA ALA A 272 -12.68 -2.65 11.65
C ALA A 272 -12.97 -2.60 10.16
N THR A 273 -13.10 -1.39 9.61
CA THR A 273 -13.47 -1.27 8.20
C THR A 273 -12.30 -1.64 7.29
N ILE A 274 -11.09 -1.46 7.78
CA ILE A 274 -9.94 -1.87 7.01
C ILE A 274 -9.81 -3.39 7.02
N GLU A 275 -9.93 -4.00 8.19
CA GLU A 275 -9.82 -5.45 8.30
C GLU A 275 -10.92 -6.21 7.57
N SER A 276 -12.09 -5.59 7.42
CA SER A 276 -13.24 -6.27 6.81
C SER A 276 -13.26 -6.04 5.30
N GLY A 277 -12.39 -5.15 4.84
CA GLY A 277 -12.33 -4.81 3.44
C GLY A 277 -13.40 -3.81 2.99
N GLU A 278 -14.14 -3.26 3.94
CA GLU A 278 -15.20 -2.33 3.60
CA GLU A 278 -15.20 -2.29 3.64
C GLU A 278 -14.61 -1.01 3.10
N TYR A 279 -13.44 -0.65 3.63
CA TYR A 279 -12.80 0.61 3.27
C TYR A 279 -11.99 0.44 1.99
N THR A 280 -12.69 0.61 0.86
CA THR A 280 -12.08 0.45 -0.45
CA THR A 280 -12.09 0.46 -0.48
C THR A 280 -12.37 1.71 -1.29
N PRO A 281 -11.42 2.13 -2.14
CA PRO A 281 -10.15 1.48 -2.52
C PRO A 281 -8.91 1.82 -1.70
N LEU A 282 -9.05 2.61 -0.63
CA LEU A 282 -7.87 3.11 0.07
C LEU A 282 -7.30 2.21 1.18
N SER A 283 -7.79 0.98 1.28
CA SER A 283 -7.02 -0.05 1.96
C SER A 283 -7.04 -1.30 1.10
N ARG A 284 -5.94 -2.04 1.13
CA ARG A 284 -5.84 -3.24 0.32
C ARG A 284 -4.74 -4.15 0.87
N PRO A 285 -4.87 -5.46 0.62
CA PRO A 285 -3.86 -6.41 1.08
C PRO A 285 -2.60 -6.33 0.22
N LEU A 286 -1.46 -6.64 0.82
CA LEU A 286 -0.19 -6.69 0.09
C LEU A 286 0.30 -8.14 0.03
N PHE A 287 0.93 -8.50 -1.08
CA PHE A 287 1.33 -9.88 -1.32
C PHE A 287 2.81 -10.06 -1.65
N ILE A 288 3.31 -11.23 -1.31
CA ILE A 288 4.61 -11.71 -1.75
C ILE A 288 4.38 -13.01 -2.49
N TYR A 289 4.97 -13.13 -3.70
CA TYR A 289 4.85 -14.34 -4.51
C TYR A 289 6.21 -14.98 -4.69
N THR A 290 6.23 -16.31 -4.66
CA THR A 290 7.40 -17.04 -5.13
C THR A 290 6.86 -18.30 -5.80
N THR A 291 7.70 -19.29 -6.03
CA THR A 291 7.23 -20.50 -6.69
C THR A 291 7.53 -21.73 -5.85
N LYS A 292 6.85 -22.83 -6.13
CA LYS A 292 7.06 -24.08 -5.44
C LYS A 292 8.49 -24.57 -5.65
N ALA A 293 9.00 -24.39 -6.86
CA ALA A 293 10.37 -24.80 -7.17
C ALA A 293 11.41 -23.99 -6.38
N LYS A 294 11.22 -22.69 -6.28
CA LYS A 294 12.15 -21.84 -5.54
C LYS A 294 12.15 -22.18 -4.06
N LEU A 295 11.01 -22.63 -3.56
CA LEU A 295 10.87 -22.99 -2.15
C LEU A 295 11.66 -24.24 -1.75
N LYS A 296 12.17 -24.96 -2.75
CA LYS A 296 13.07 -26.09 -2.50
C LYS A 296 14.43 -25.59 -2.02
N ARG A 297 14.76 -24.35 -2.40
CA ARG A 297 15.97 -23.70 -1.91
C ARG A 297 15.69 -23.23 -0.49
N PRO A 298 16.44 -23.76 0.49
CA PRO A 298 16.13 -23.50 1.89
C PRO A 298 16.25 -22.03 2.30
N GLU A 299 17.07 -21.25 1.60
CA GLU A 299 17.18 -19.83 1.90
C GLU A 299 15.92 -19.05 1.47
N VAL A 300 15.27 -19.53 0.41
CA VAL A 300 14.03 -18.92 -0.05
C VAL A 300 12.90 -19.31 0.90
N ALA A 301 12.86 -20.59 1.24
CA ALA A 301 11.87 -21.09 2.19
C ALA A 301 12.01 -20.39 3.54
N GLU A 302 13.24 -20.28 4.01
CA GLU A 302 13.51 -19.59 5.27
C GLU A 302 13.10 -18.12 5.24
N PHE A 303 13.22 -17.49 4.07
CA PHE A 303 12.84 -16.10 3.93
C PHE A 303 11.34 -15.90 4.08
N ILE A 304 10.56 -16.80 3.48
CA ILE A 304 9.11 -16.71 3.57
C ILE A 304 8.64 -17.00 4.99
N LYS A 305 9.25 -17.99 5.63
CA LYS A 305 8.91 -18.35 7.01
C LYS A 305 9.07 -17.18 7.99
N PHE A 306 10.21 -16.51 7.93
CA PHE A 306 10.46 -15.34 8.78
C PHE A 306 9.43 -14.23 8.51
N LEU A 307 9.10 -14.06 7.23
CA LEU A 307 8.15 -13.06 6.80
C LEU A 307 6.76 -13.26 7.42
N LEU A 308 6.36 -14.53 7.55
CA LEU A 308 5.02 -14.87 8.06
C LEU A 308 4.99 -14.98 9.58
N SER A 309 6.16 -15.01 10.21
CA SER A 309 6.25 -15.19 11.64
C SER A 309 5.80 -13.94 12.40
N GLU A 310 5.72 -14.05 13.73
CA GLU A 310 5.36 -12.91 14.57
C GLU A 310 6.38 -11.78 14.42
N LYS A 311 7.64 -12.16 14.20
CA LYS A 311 8.69 -11.17 13.95
C LYS A 311 8.44 -10.45 12.64
N GLY A 312 7.92 -11.18 11.65
CA GLY A 312 7.56 -10.59 10.38
C GLY A 312 6.46 -9.58 10.56
N ASP A 313 5.45 -9.94 11.35
CA ASP A 313 4.33 -9.06 11.64
C ASP A 313 4.81 -7.79 12.33
N GLN A 314 5.79 -7.93 13.22
CA GLN A 314 6.33 -6.79 13.95
C GLN A 314 7.04 -5.83 12.99
N LEU A 315 7.78 -6.39 12.03
CA LEU A 315 8.46 -5.58 11.03
C LEU A 315 7.44 -4.86 10.14
N VAL A 316 6.36 -5.57 9.81
CA VAL A 316 5.29 -4.99 9.00
C VAL A 316 4.74 -3.74 9.69
N GLU A 317 4.51 -3.83 11.00
CA GLU A 317 4.03 -2.67 11.76
C GLU A 317 5.11 -1.61 11.88
N GLU A 318 6.36 -2.03 11.93
CA GLU A 318 7.47 -1.10 12.10
C GLU A 318 7.59 -0.15 10.90
N VAL A 319 7.24 -0.64 9.71
CA VAL A 319 7.29 0.21 8.52
C VAL A 319 5.91 0.84 8.26
N LYS A 320 5.07 0.80 9.30
CA LYS A 320 3.82 1.58 9.37
C LYS A 320 2.64 0.96 8.62
N TYR A 321 2.73 -0.33 8.34
CA TYR A 321 1.61 -1.06 7.75
C TYR A 321 0.80 -1.75 8.83
N ILE A 322 -0.29 -2.38 8.43
CA ILE A 322 -1.18 -3.10 9.33
C ILE A 322 -0.90 -4.60 9.20
N LYS A 323 -0.70 -5.29 10.33
CA LYS A 323 -0.38 -6.71 10.24
C LYS A 323 -1.64 -7.47 9.87
N VAL A 324 -1.48 -8.62 9.22
CA VAL A 324 -2.63 -9.40 8.77
C VAL A 324 -3.41 -9.99 9.95
N PRO A 325 -4.72 -10.17 9.78
CA PRO A 325 -5.56 -10.87 10.77
C PRO A 325 -5.01 -12.27 11.07
N LYS A 326 -5.31 -12.80 12.25
CA LYS A 326 -4.81 -14.12 12.61
C LYS A 326 -5.26 -15.18 11.62
N SER A 327 -6.48 -15.07 11.10
CA SER A 327 -6.97 -16.08 10.15
C SER A 327 -6.13 -16.07 8.89
N VAL A 328 -5.67 -14.88 8.49
CA VAL A 328 -4.81 -14.76 7.32
C VAL A 328 -3.44 -15.40 7.61
N LYS A 329 -2.86 -15.08 8.77
CA LYS A 329 -1.58 -15.64 9.17
C LYS A 329 -1.61 -17.16 9.20
N GLU A 330 -2.67 -17.72 9.79
CA GLU A 330 -2.78 -19.17 9.88
CA GLU A 330 -2.82 -19.17 9.89
C GLU A 330 -2.83 -19.79 8.49
N THR A 331 -3.61 -19.20 7.60
CA THR A 331 -3.74 -19.71 6.25
C THR A 331 -2.41 -19.64 5.48
N GLN A 333 0.68 -19.60 6.71
CA GLN A 333 1.61 -20.58 7.27
C GLN A 333 1.29 -21.97 6.79
N GLN A 334 0.01 -22.28 6.74
CA GLN A 334 -0.40 -23.59 6.31
C GLN A 334 -0.10 -23.76 4.81
N ARG A 335 -0.25 -22.67 4.08
CA ARG A 335 0.06 -22.63 2.64
C ARG A 335 1.55 -22.86 2.37
N LEU A 336 2.40 -22.24 3.18
CA LEU A 336 3.84 -22.46 3.07
C LEU A 336 4.19 -23.92 3.34
N ALA A 337 3.57 -24.49 4.37
CA ALA A 337 3.83 -25.88 4.72
C ALA A 337 3.50 -26.83 3.56
N ASP A 338 2.39 -26.59 2.90
CA ASP A 338 1.97 -27.40 1.74
C ASP A 338 2.95 -27.30 0.58
N ALA A 339 3.46 -26.09 0.35
CA ALA A 339 4.36 -25.82 -0.77
C ALA A 339 5.72 -26.48 -0.59
N LEU A 340 6.06 -26.81 0.65
CA LEU A 340 7.35 -27.40 0.97
C LEU A 340 7.37 -28.91 0.78
N LYS A 341 6.20 -29.52 0.73
CA LYS A 341 6.09 -30.97 0.53
C LYS A 341 6.54 -31.35 -0.88
#